data_6A2W
#
_entry.id   6A2W
#
_cell.length_a   47.749
_cell.length_b   115.718
_cell.length_c   141.261
_cell.angle_alpha   90.000
_cell.angle_beta   90.000
_cell.angle_gamma   90.000
#
_symmetry.space_group_name_H-M   'C 2 2 21'
#
loop_
_entity.id
_entity.type
_entity.pdbx_description
1 polymer 'Protein fucoxanthin chlorophyl a/c protein'
2 non-polymer 'CALCIUM ION'
3 non-polymer "(3S,3'S,5R,5'R,6S,6'R,8'R)-3,5'-dihydroxy-8-oxo-6',7'-didehydro-5,5',6,6',7,8-hexahydro-5,6-epoxy-beta,beta-caroten-3'- yl acetate"
4 non-polymer "(3S,3'R,5R,6S,7cis)-7',8'-didehydro-5,6-dihydro-5,6-epoxy-beta,beta-carotene-3,3'-diol"
5 non-polymer 'CHLOROPHYLL A'
6 non-polymer 'Chlorophyll c2'
7 non-polymer 'Chlorophyll c1'
8 non-polymer DODECYL-BETA-D-MALTOSIDE
9 non-polymer 'DIGALACTOSYL DIACYL GLYCEROL (DGDG)'
10 non-polymer 1,2-DIPALMITOYL-PHOSPHATIDYL-GLYCEROLE
11 non-polymer 'octyl 1-thio-beta-D-glucopyranoside'
12 non-polymer 'UNKNOWN LIGAND'
13 water water
#
_entity_poly.entity_id   1
_entity_poly.type   'polypeptide(L)'
_entity_poly.pdbx_seq_one_letter_code
;AFEDELGAQPPLGFFDPLGLVADGDQEKFDRLRYVEIKHGRISMLAVVGYLVQEAGVRLPGTIDYSGKTFAEIPNGFAAF
KEIPAGGLVQLLFFIGVLESSVMRDLTGEAEFVGDFRNGAIDFGWDTFDEETQFKKRAIELNQGRAAQMGILALMVHEQL
GVSLLPQ
;
_entity_poly.pdbx_strand_id   A
#
# COMPACT_ATOMS: atom_id res chain seq x y z
N ALA A 1 -0.74 -8.97 25.90
CA ALA A 1 -2.00 -8.45 25.38
C ALA A 1 -2.14 -8.77 23.90
N PHE A 2 -1.22 -8.23 23.10
CA PHE A 2 -1.20 -8.49 21.66
C PHE A 2 0.06 -9.25 21.26
N GLU A 3 0.62 -10.01 22.20
CA GLU A 3 1.83 -10.77 21.90
C GLU A 3 1.56 -11.90 20.91
N ASP A 4 0.30 -12.37 20.82
CA ASP A 4 -0.07 -13.45 19.92
C ASP A 4 -0.71 -12.96 18.62
N GLU A 5 -0.86 -11.65 18.44
CA GLU A 5 -1.57 -11.13 17.28
C GLU A 5 -0.78 -11.36 16.00
N LEU A 6 -1.48 -11.27 14.88
CA LEU A 6 -0.86 -11.22 13.56
C LEU A 6 0.25 -10.19 13.52
N GLY A 7 1.40 -10.56 12.94
CA GLY A 7 2.53 -9.66 12.80
C GLY A 7 3.60 -9.83 13.85
N ALA A 8 3.32 -10.55 14.93
CA ALA A 8 4.33 -10.96 15.90
C ALA A 8 4.81 -12.35 15.50
N GLN A 9 6.04 -12.43 15.00
CA GLN A 9 6.55 -13.68 14.45
C GLN A 9 8.06 -13.68 14.59
N PRO A 10 8.70 -14.84 14.35
CA PRO A 10 10.16 -14.86 14.30
C PRO A 10 10.68 -13.88 13.28
N PRO A 11 11.88 -13.31 13.51
CA PRO A 11 12.75 -13.59 14.66
C PRO A 11 12.50 -12.68 15.86
N LEU A 12 11.74 -11.60 15.71
CA LEU A 12 11.59 -10.63 16.78
C LEU A 12 10.49 -10.95 17.78
N GLY A 13 9.54 -11.81 17.44
CA GLY A 13 8.40 -11.94 18.32
C GLY A 13 7.60 -10.65 18.37
N PHE A 14 6.78 -10.50 19.41
CA PHE A 14 6.03 -9.26 19.58
C PHE A 14 7.01 -8.11 19.78
N PHE A 15 6.97 -7.13 18.88
CA PHE A 15 7.99 -6.09 18.83
C PHE A 15 7.31 -4.73 18.84
N ASP A 16 7.29 -4.11 20.03
CA ASP A 16 6.68 -2.80 20.24
C ASP A 16 7.58 -2.01 21.18
N PRO A 17 8.75 -1.58 20.70
CA PRO A 17 9.69 -0.87 21.58
C PRO A 17 9.19 0.49 22.06
N LEU A 18 8.13 1.03 21.48
CA LEU A 18 7.54 2.26 21.97
C LEU A 18 6.30 2.04 22.81
N GLY A 19 6.05 0.80 23.24
CA GLY A 19 4.90 0.47 24.06
C GLY A 19 3.60 1.10 23.62
N LEU A 20 3.46 1.31 22.31
CA LEU A 20 2.26 2.00 21.78
C LEU A 20 1.00 1.22 22.11
N VAL A 21 1.07 -0.10 22.12
CA VAL A 21 -0.11 -0.93 22.37
C VAL A 21 0.02 -1.65 23.72
N ALA A 22 0.92 -1.15 24.59
CA ALA A 22 1.06 -1.74 25.91
C ALA A 22 -0.22 -1.60 26.73
N ASP A 23 -1.03 -0.58 26.44
CA ASP A 23 -2.24 -0.38 27.23
C ASP A 23 -3.31 -1.44 26.96
N GLY A 24 -3.12 -2.29 25.96
CA GLY A 24 -4.08 -3.35 25.72
C GLY A 24 -5.40 -2.91 25.13
N ASP A 25 -5.47 -1.71 24.59
CA ASP A 25 -6.70 -1.21 23.97
C ASP A 25 -6.87 -1.87 22.60
N GLN A 26 -7.88 -2.73 22.48
CA GLN A 26 -8.11 -3.45 21.22
C GLN A 26 -8.44 -2.48 20.10
N GLU A 27 -9.17 -1.40 20.39
CA GLU A 27 -9.56 -0.46 19.35
C GLU A 27 -8.36 0.35 18.85
N LYS A 28 -7.45 0.69 19.75
CA LYS A 28 -6.20 1.32 19.33
C LYS A 28 -5.39 0.38 18.46
N PHE A 29 -5.25 -0.87 18.90
CA PHE A 29 -4.55 -1.85 18.09
C PHE A 29 -5.22 -2.01 16.73
N ASP A 30 -6.56 -2.12 16.74
CA ASP A 30 -7.26 -2.33 15.48
C ASP A 30 -7.03 -1.17 14.52
N ARG A 31 -6.98 0.06 15.03
CA ARG A 31 -6.73 1.21 14.16
CA ARG A 31 -6.74 1.19 14.14
C ARG A 31 -5.31 1.16 13.61
N LEU A 32 -4.33 0.97 14.49
CA LEU A 32 -2.94 0.95 14.07
C LEU A 32 -2.68 -0.16 13.08
N ARG A 33 -3.29 -1.34 13.31
CA ARG A 33 -3.18 -2.43 12.36
C ARG A 33 -3.83 -2.07 11.03
N TYR A 34 -5.01 -1.43 11.08
CA TYR A 34 -5.60 -0.92 9.84
C TYR A 34 -4.63 -0.02 9.09
N VAL A 35 -4.00 0.90 9.83
CA VAL A 35 -3.08 1.85 9.20
C VAL A 35 -1.85 1.12 8.66
N GLU A 36 -1.35 0.11 9.40
CA GLU A 36 -0.17 -0.64 8.96
C GLU A 36 -0.44 -1.41 7.67
N ILE A 37 -1.63 -2.05 7.57
CA ILE A 37 -1.99 -2.78 6.36
C ILE A 37 -2.09 -1.81 5.18
N LYS A 38 -2.69 -0.65 5.43
CA LYS A 38 -2.93 0.30 4.36
C LYS A 38 -1.63 0.86 3.80
N HIS A 39 -0.72 1.30 4.68
CA HIS A 39 0.58 1.77 4.19
C HIS A 39 1.27 0.66 3.41
N GLY A 40 1.13 -0.58 3.88
CA GLY A 40 1.81 -1.69 3.23
C GLY A 40 1.27 -1.97 1.83
N ARG A 41 -0.06 -1.97 1.68
CA ARG A 41 -0.63 -2.22 0.35
C ARG A 41 -0.22 -1.13 -0.62
N ILE A 42 -0.27 0.13 -0.17
CA ILE A 42 0.18 1.23 -1.01
C ILE A 42 1.64 1.05 -1.37
N SER A 43 2.47 0.69 -0.39
CA SER A 43 3.91 0.61 -0.66
C SER A 43 4.24 -0.57 -1.54
N MET A 44 3.51 -1.68 -1.43
CA MET A 44 3.73 -2.77 -2.36
C MET A 44 3.48 -2.32 -3.78
N LEU A 45 2.39 -1.56 -4.01
CA LEU A 45 2.11 -1.06 -5.36
C LEU A 45 3.14 -0.03 -5.76
N ALA A 46 3.57 0.79 -4.79
CA ALA A 46 4.51 1.87 -5.10
C ALA A 46 5.87 1.32 -5.53
N VAL A 47 6.39 0.30 -4.84
CA VAL A 47 7.70 -0.20 -5.24
CA VAL A 47 7.69 -0.23 -5.23
C VAL A 47 7.62 -0.80 -6.64
N VAL A 48 6.57 -1.56 -6.93
CA VAL A 48 6.46 -2.12 -8.26
C VAL A 48 6.35 -1.02 -9.31
N GLY A 49 5.51 -0.01 -9.05
CA GLY A 49 5.36 1.08 -10.00
C GLY A 49 6.66 1.84 -10.21
N TYR A 50 7.38 2.13 -9.12
CA TYR A 50 8.64 2.84 -9.28
C TYR A 50 9.64 2.04 -10.10
N LEU A 51 9.73 0.74 -9.84
CA LEU A 51 10.68 -0.07 -10.58
C LEU A 51 10.26 -0.21 -12.03
N VAL A 52 8.97 -0.46 -12.29
CA VAL A 52 8.53 -0.61 -13.67
C VAL A 52 8.77 0.68 -14.43
N GLN A 53 8.38 1.81 -13.82
CA GLN A 53 8.57 3.11 -14.45
C GLN A 53 10.05 3.44 -14.60
N GLU A 54 10.86 3.10 -13.61
CA GLU A 54 12.30 3.37 -13.75
C GLU A 54 12.88 2.60 -14.92
N ALA A 55 12.36 1.41 -15.18
CA ALA A 55 12.85 0.61 -16.29
C ALA A 55 12.42 1.17 -17.63
N GLY A 56 11.61 2.24 -17.65
CA GLY A 56 11.23 2.88 -18.90
C GLY A 56 9.93 2.40 -19.49
N VAL A 57 9.23 1.48 -18.84
CA VAL A 57 7.93 1.06 -19.35
C VAL A 57 6.94 2.21 -19.27
N ARG A 58 6.23 2.45 -20.37
CA ARG A 58 5.25 3.53 -20.39
C ARG A 58 3.97 3.07 -21.07
N LEU A 59 2.85 3.64 -20.63
CA LEU A 59 1.60 3.51 -21.37
C LEU A 59 1.79 4.01 -22.80
N PRO A 60 1.10 3.41 -23.77
CA PRO A 60 1.26 3.85 -25.16
C PRO A 60 0.64 5.22 -25.36
N GLY A 61 1.29 6.02 -26.19
CA GLY A 61 0.66 7.21 -26.71
C GLY A 61 0.68 8.41 -25.79
N THR A 62 -0.44 9.14 -25.76
CA THR A 62 -0.51 10.46 -25.17
C THR A 62 -1.39 10.46 -23.93
N ILE A 63 -1.03 11.32 -22.98
CA ILE A 63 -1.80 11.45 -21.75
C ILE A 63 -2.82 12.57 -21.81
N ASP A 64 -2.75 13.45 -22.83
CA ASP A 64 -3.77 14.48 -22.99
C ASP A 64 -3.94 14.78 -24.47
N TYR A 65 -4.93 15.61 -24.79
CA TYR A 65 -5.18 15.96 -26.17
C TYR A 65 -4.23 17.00 -26.72
N SER A 66 -3.35 17.56 -25.90
CA SER A 66 -2.35 18.46 -26.47
C SER A 66 -1.15 17.73 -27.05
N GLY A 67 -1.09 16.40 -26.91
CA GLY A 67 -0.01 15.62 -27.48
C GLY A 67 1.10 15.27 -26.52
N LYS A 68 0.99 15.60 -25.23
CA LYS A 68 1.92 15.15 -24.21
C LYS A 68 1.95 13.62 -24.16
N THR A 69 3.14 13.03 -24.33
CA THR A 69 3.26 11.58 -24.32
C THR A 69 3.70 11.04 -22.97
N PHE A 70 3.22 9.85 -22.62
CA PHE A 70 3.71 9.18 -21.42
C PHE A 70 5.22 9.00 -21.50
N ALA A 71 5.74 8.77 -22.70
CA ALA A 71 7.17 8.57 -22.89
C ALA A 71 7.99 9.78 -22.45
N GLU A 72 7.40 10.98 -22.52
CA GLU A 72 8.13 12.19 -22.12
C GLU A 72 8.16 12.37 -20.62
N ILE A 73 7.40 11.57 -19.89
CA ILE A 73 7.21 11.79 -18.47
C ILE A 73 8.26 10.96 -17.72
N PRO A 74 9.07 11.59 -16.88
CA PRO A 74 10.14 10.87 -16.17
C PRO A 74 9.60 10.14 -14.95
N ASN A 75 10.46 9.28 -14.40
CA ASN A 75 10.07 8.57 -13.19
C ASN A 75 10.34 9.45 -11.97
N GLY A 76 9.76 9.03 -10.83
CA GLY A 76 10.04 9.70 -9.58
C GLY A 76 9.15 10.90 -9.36
N PHE A 77 9.57 11.75 -8.42
CA PHE A 77 8.85 12.99 -8.16
C PHE A 77 8.81 13.88 -9.39
N ALA A 78 9.80 13.78 -10.28
CA ALA A 78 9.80 14.64 -11.45
C ALA A 78 8.58 14.41 -12.35
N ALA A 79 7.93 13.25 -12.23
CA ALA A 79 6.72 12.97 -13.03
C ALA A 79 5.68 14.05 -12.81
N PHE A 80 5.59 14.58 -11.59
CA PHE A 80 4.50 15.50 -11.32
C PHE A 80 4.68 16.82 -12.03
N LYS A 81 5.91 17.16 -12.44
CA LYS A 81 6.16 18.37 -13.21
C LYS A 81 5.64 18.28 -14.63
N GLU A 82 5.35 17.08 -15.11
CA GLU A 82 5.00 16.89 -16.51
C GLU A 82 3.62 16.27 -16.70
N ILE A 83 3.00 15.71 -15.68
CA ILE A 83 1.60 15.30 -15.78
C ILE A 83 0.73 16.56 -15.81
N PRO A 84 -0.18 16.71 -16.77
CA PRO A 84 -0.96 17.94 -16.84
C PRO A 84 -1.83 18.14 -15.59
N ALA A 85 -2.10 19.40 -15.29
CA ALA A 85 -2.88 19.77 -14.10
C ALA A 85 -4.17 18.97 -14.03
N GLY A 86 -4.85 18.81 -15.16
CA GLY A 86 -6.12 18.10 -15.14
C GLY A 86 -5.96 16.65 -14.80
N GLY A 87 -4.81 16.06 -15.16
CA GLY A 87 -4.56 14.68 -14.80
C GLY A 87 -4.26 14.53 -13.33
N LEU A 88 -3.46 15.46 -12.78
CA LEU A 88 -3.19 15.42 -11.34
C LEU A 88 -4.47 15.55 -10.53
N VAL A 89 -5.36 16.48 -10.94
CA VAL A 89 -6.64 16.62 -10.25
C VAL A 89 -7.42 15.31 -10.30
N GLN A 90 -7.50 14.69 -11.49
CA GLN A 90 -8.25 13.45 -11.63
C GLN A 90 -7.64 12.32 -10.81
N LEU A 91 -6.31 12.18 -10.84
CA LEU A 91 -5.67 11.14 -10.04
C LEU A 91 -6.01 11.33 -8.56
N LEU A 92 -5.86 12.54 -8.05
CA LEU A 92 -6.16 12.74 -6.63
C LEU A 92 -7.63 12.49 -6.35
N PHE A 93 -8.50 13.03 -7.21
CA PHE A 93 -9.94 12.85 -7.00
C PHE A 93 -10.34 11.38 -7.03
N PHE A 94 -9.84 10.63 -8.00
N PHE A 94 -9.85 10.65 -8.03
CA PHE A 94 -10.34 9.26 -8.07
CA PHE A 94 -10.20 9.25 -8.17
C PHE A 94 -9.73 8.35 -7.00
C PHE A 94 -9.76 8.44 -6.96
N ILE A 95 -8.53 8.67 -6.49
CA ILE A 95 -8.06 7.98 -5.29
C ILE A 95 -8.91 8.37 -4.08
N GLY A 96 -9.25 9.66 -3.98
CA GLY A 96 -10.18 10.08 -2.94
C GLY A 96 -11.50 9.33 -2.98
N VAL A 97 -12.02 9.08 -4.19
CA VAL A 97 -13.29 8.37 -4.29
C VAL A 97 -13.14 6.92 -3.86
N LEU A 98 -11.99 6.28 -4.17
CA LEU A 98 -11.72 4.97 -3.57
C LEU A 98 -11.81 5.05 -2.07
N GLU A 99 -11.26 6.12 -1.49
CA GLU A 99 -11.23 6.27 -0.04
C GLU A 99 -12.62 6.51 0.52
N SER A 100 -13.45 7.29 -0.17
CA SER A 100 -14.75 7.65 0.39
C SER A 100 -15.80 6.58 0.16
N SER A 101 -15.66 5.78 -0.90
CA SER A 101 -16.80 5.00 -1.38
C SER A 101 -16.51 3.55 -1.72
N VAL A 102 -15.26 3.09 -1.65
CA VAL A 102 -14.89 1.76 -2.16
C VAL A 102 -14.02 0.99 -1.17
N MET A 103 -12.83 1.52 -0.88
CA MET A 103 -11.83 0.79 -0.11
C MET A 103 -12.06 1.01 1.38
N ARG A 104 -13.13 0.41 1.87
CA ARG A 104 -13.53 0.54 3.26
C ARG A 104 -14.56 -0.53 3.56
N ASP A 105 -14.81 -0.75 4.84
CA ASP A 105 -15.84 -1.69 5.28
C ASP A 105 -17.19 -0.97 5.20
N LEU A 106 -17.91 -1.18 4.09
CA LEU A 106 -19.16 -0.48 3.86
C LEU A 106 -20.34 -1.16 4.55
N THR A 107 -20.29 -2.48 4.66
CA THR A 107 -21.41 -3.28 5.14
C THR A 107 -21.26 -3.73 6.59
N GLY A 108 -20.11 -3.53 7.20
CA GLY A 108 -19.87 -4.04 8.54
C GLY A 108 -19.62 -5.53 8.62
N GLU A 109 -19.46 -6.21 7.48
CA GLU A 109 -19.28 -7.66 7.51
C GLU A 109 -17.81 -8.07 7.43
N ALA A 110 -16.89 -7.10 7.46
CA ALA A 110 -15.46 -7.41 7.43
C ALA A 110 -15.10 -8.40 8.54
N GLU A 111 -14.26 -9.38 8.21
CA GLU A 111 -13.86 -10.36 9.22
C GLU A 111 -12.77 -9.83 10.14
N PHE A 112 -12.04 -8.82 9.69
CA PHE A 112 -10.95 -8.18 10.42
C PHE A 112 -10.59 -6.91 9.66
N VAL A 113 -9.86 -6.02 10.31
CA VAL A 113 -9.48 -4.77 9.64
C VAL A 113 -8.71 -5.08 8.36
N GLY A 114 -9.03 -4.32 7.30
CA GLY A 114 -8.42 -4.46 6.01
C GLY A 114 -9.19 -5.35 5.06
N ASP A 115 -10.19 -6.06 5.57
CA ASP A 115 -11.08 -6.90 4.76
C ASP A 115 -12.12 -6.00 4.12
N PHE A 116 -11.94 -5.68 2.82
CA PHE A 116 -12.85 -4.81 2.08
C PHE A 116 -13.71 -5.58 1.09
N ARG A 117 -13.75 -6.92 1.18
CA ARG A 117 -14.50 -7.70 0.19
C ARG A 117 -15.95 -7.22 0.08
N ASN A 118 -16.55 -6.85 1.21
CA ASN A 118 -17.85 -6.18 1.21
C ASN A 118 -18.95 -7.07 0.63
N GLY A 119 -18.81 -8.39 0.78
CA GLY A 119 -19.78 -9.30 0.19
C GLY A 119 -19.87 -9.18 -1.32
N ALA A 120 -18.92 -8.52 -1.95
CA ALA A 120 -18.98 -8.17 -3.37
C ALA A 120 -17.90 -8.83 -4.22
N ILE A 121 -16.65 -8.81 -3.80
CA ILE A 121 -15.56 -9.41 -4.58
C ILE A 121 -14.78 -10.35 -3.67
N ASP A 122 -14.69 -11.62 -4.08
CA ASP A 122 -14.03 -12.66 -3.28
C ASP A 122 -13.56 -13.74 -4.23
N PHE A 123 -12.25 -13.99 -4.27
CA PHE A 123 -11.69 -15.03 -5.12
C PHE A 123 -11.58 -16.38 -4.41
N GLY A 124 -12.19 -16.53 -3.24
CA GLY A 124 -12.22 -17.83 -2.58
C GLY A 124 -11.57 -17.87 -1.21
N TRP A 125 -11.70 -16.78 -0.45
CA TRP A 125 -11.13 -16.73 0.90
C TRP A 125 -11.42 -17.99 1.72
N ASP A 126 -12.64 -18.50 1.65
CA ASP A 126 -13.01 -19.66 2.46
C ASP A 126 -12.50 -20.98 1.90
N THR A 127 -11.79 -20.96 0.78
CA THR A 127 -11.14 -22.20 0.36
C THR A 127 -9.79 -22.40 1.03
N PHE A 128 -9.28 -21.39 1.73
CA PHE A 128 -8.12 -21.56 2.58
C PHE A 128 -8.57 -22.04 3.96
N ASP A 129 -7.82 -22.97 4.55
CA ASP A 129 -8.09 -23.30 5.94
C ASP A 129 -7.56 -22.19 6.87
N GLU A 130 -7.89 -22.29 8.16
CA GLU A 130 -7.61 -21.19 9.07
C GLU A 130 -6.12 -20.90 9.15
N GLU A 131 -5.28 -21.94 9.17
CA GLU A 131 -3.84 -21.70 9.18
C GLU A 131 -3.39 -21.02 7.90
N THR A 132 -3.86 -21.50 6.74
CA THR A 132 -3.49 -20.86 5.48
C THR A 132 -3.98 -19.41 5.43
N GLN A 133 -5.23 -19.16 5.86
CA GLN A 133 -5.73 -17.79 5.90
C GLN A 133 -4.84 -16.90 6.75
N PHE A 134 -4.44 -17.37 7.93
CA PHE A 134 -3.54 -16.59 8.78
C PHE A 134 -2.19 -16.35 8.09
N LYS A 135 -1.64 -17.39 7.45
CA LYS A 135 -0.38 -17.24 6.72
C LYS A 135 -0.48 -16.18 5.63
N LYS A 136 -1.58 -16.21 4.86
CA LYS A 136 -1.73 -15.24 3.78
C LYS A 136 -1.85 -13.83 4.34
N ARG A 137 -2.51 -13.67 5.49
CA ARG A 137 -2.60 -12.34 6.09
C ARG A 137 -1.24 -11.88 6.58
N ALA A 138 -0.43 -12.81 7.08
CA ALA A 138 0.90 -12.47 7.54
C ALA A 138 1.81 -12.09 6.38
N ILE A 139 1.70 -12.81 5.26
CA ILE A 139 2.47 -12.43 4.08
C ILE A 139 2.05 -11.05 3.63
N GLU A 140 0.74 -10.81 3.56
CA GLU A 140 0.29 -9.49 3.09
C GLU A 140 0.87 -8.40 3.97
N LEU A 141 0.85 -8.61 5.29
CA LEU A 141 1.31 -7.59 6.23
C LEU A 141 2.82 -7.39 6.14
N ASN A 142 3.57 -8.49 6.07
CA ASN A 142 5.01 -8.34 6.13
C ASN A 142 5.60 -7.93 4.80
N GLN A 143 5.06 -8.43 3.67
CA GLN A 143 5.41 -7.80 2.40
C GLN A 143 5.13 -6.32 2.46
N GLY A 144 4.02 -5.93 3.06
CA GLY A 144 3.71 -4.51 3.19
C GLY A 144 4.73 -3.77 4.01
N ARG A 145 5.17 -4.36 5.13
CA ARG A 145 6.22 -3.73 5.97
C ARG A 145 7.52 -3.57 5.20
N ALA A 146 7.96 -4.64 4.52
CA ALA A 146 9.18 -4.54 3.73
C ALA A 146 9.05 -3.48 2.65
N ALA A 147 7.90 -3.43 1.99
CA ALA A 147 7.73 -2.48 0.89
C ALA A 147 7.70 -1.04 1.40
N GLN A 148 7.14 -0.81 2.59
CA GLN A 148 7.18 0.53 3.20
C GLN A 148 8.63 1.01 3.32
N MET A 149 9.50 0.16 3.84
CA MET A 149 10.89 0.54 3.95
C MET A 149 11.51 0.66 2.57
N GLY A 150 11.10 -0.19 1.64
CA GLY A 150 11.67 -0.14 0.30
C GLY A 150 11.32 1.15 -0.42
N ILE A 151 10.04 1.52 -0.39
CA ILE A 151 9.65 2.74 -1.09
C ILE A 151 10.24 3.97 -0.40
N LEU A 152 10.35 3.95 0.93
CA LEU A 152 10.99 5.08 1.60
C LEU A 152 12.44 5.21 1.14
N ALA A 153 13.15 4.08 1.07
CA ALA A 153 14.52 4.05 0.57
C ALA A 153 14.63 4.65 -0.82
N LEU A 154 13.73 4.25 -1.73
CA LEU A 154 13.82 4.76 -3.10
C LEU A 154 13.52 6.25 -3.16
N MET A 155 12.47 6.70 -2.47
CA MET A 155 12.16 8.12 -2.48
C MET A 155 13.28 8.94 -1.86
N VAL A 156 13.81 8.50 -0.72
CA VAL A 156 14.89 9.25 -0.07
C VAL A 156 16.10 9.32 -0.99
N HIS A 157 16.52 8.17 -1.54
CA HIS A 157 17.74 8.18 -2.33
C HIS A 157 17.56 8.88 -3.66
N GLU A 158 16.33 8.99 -4.17
CA GLU A 158 16.13 9.85 -5.33
C GLU A 158 16.55 11.28 -5.01
N GLN A 159 16.16 11.78 -3.84
CA GLN A 159 16.52 13.13 -3.44
C GLN A 159 17.98 13.24 -3.06
N LEU A 160 18.54 12.20 -2.44
CA LEU A 160 19.97 12.21 -2.17
C LEU A 160 20.79 12.21 -3.45
N GLY A 161 20.22 11.77 -4.57
CA GLY A 161 21.02 11.58 -5.75
C GLY A 161 22.07 10.49 -5.61
N VAL A 162 21.79 9.48 -4.80
CA VAL A 162 22.63 8.31 -4.64
C VAL A 162 21.73 7.14 -4.97
N SER A 163 21.89 6.57 -6.17
CA SER A 163 20.91 5.61 -6.69
C SER A 163 21.08 4.24 -6.04
N LEU A 164 19.97 3.56 -5.81
CA LEU A 164 19.99 2.20 -5.28
C LEU A 164 19.75 1.14 -6.34
N LEU A 165 19.65 1.57 -7.60
CA LEU A 165 19.28 0.70 -8.68
C LEU A 165 20.41 0.63 -9.69
N PRO A 166 20.64 -0.54 -10.33
CA PRO A 166 21.74 -0.67 -11.31
C PRO A 166 21.54 0.26 -12.50
#